data_3UI2
#
_entry.id   3UI2
#
_cell.length_a   112.230
_cell.length_b   48.520
_cell.length_c   57.850
_cell.angle_alpha   90.00
_cell.angle_beta   90.13
_cell.angle_gamma   90.00
#
_symmetry.space_group_name_H-M   'C 1 2 1'
#
loop_
_entity.id
_entity.type
_entity.pdbx_description
1 polymer 'Signal recognition particle 43 kDa protein, chloroplastic'
2 polymer 'Signal recognition particle 54 kDa protein, chloroplastic'
#
loop_
_entity_poly.entity_id
_entity_poly.type
_entity_poly.pdbx_seq_one_letter_code
_entity_poly.pdbx_strand_id
1 'polypeptide(L)'
;GEVNKIIGSRTAGEGAMEYLIEWKDGHSPSWVPSSYIAADVVSEYETPWWTAARKADEQALSQLLEDRDVDAVDENGRTA
LLFVAGLGSDKCVRLLAEAGADLDHRDMRGGLTALHMAAGYVRPEVVEALVELGADIEVEDERGLTALELAREILKTTPK
GNPMQFGRRIGLEKVINVLEGQVFEYAEVDEIVEKRGKGKDVEYLVRWKDGGDCEWVKGVHVAEDVAKDYEDGLEYAVAE
SVIG
;
A
2 'polypeptide(L)' QKAPPGTARRKRK B
#
# COMPACT_ATOMS: atom_id res chain seq x y z
N GLU A 2 38.17 14.50 17.33
CA GLU A 2 36.97 15.35 17.48
C GLU A 2 35.66 14.53 17.45
N VAL A 3 35.29 14.03 16.26
CA VAL A 3 34.06 13.25 16.09
C VAL A 3 34.30 11.77 16.32
N ASN A 4 33.45 11.15 17.13
CA ASN A 4 33.64 9.74 17.48
C ASN A 4 32.80 8.74 16.68
N LYS A 5 31.47 8.95 16.69
CA LYS A 5 30.54 8.02 16.05
C LYS A 5 29.19 8.71 15.89
N ILE A 6 28.34 8.21 14.98
CA ILE A 6 26.96 8.69 14.87
C ILE A 6 26.03 7.84 15.76
N ILE A 7 24.98 8.47 16.29
CA ILE A 7 24.06 7.79 17.21
C ILE A 7 22.57 8.11 16.96
N GLY A 8 22.28 8.95 15.96
CA GLY A 8 20.91 9.31 15.66
C GLY A 8 20.71 10.09 14.38
N SER A 9 19.54 9.94 13.77
CA SER A 9 19.15 10.74 12.60
C SER A 9 17.87 11.54 12.88
N ARG A 10 17.45 12.38 11.94
CA ARG A 10 16.38 13.32 12.17
C ARG A 10 16.13 14.11 10.89
N THR A 11 14.93 14.03 10.34
CA THR A 11 14.61 14.81 9.15
C THR A 11 14.49 16.28 9.53
N ALA A 12 15.39 17.08 8.96
CA ALA A 12 15.26 18.53 9.03
C ALA A 12 14.81 18.98 7.66
N GLY A 13 14.42 20.25 7.54
CA GLY A 13 13.98 20.77 6.26
C GLY A 13 13.22 19.70 5.49
N GLU A 14 13.64 19.48 4.25
CA GLU A 14 12.91 18.58 3.36
C GLU A 14 13.82 17.55 2.73
N GLY A 15 13.76 16.32 3.22
CA GLY A 15 14.60 15.26 2.71
C GLY A 15 16.05 15.59 2.97
N ALA A 16 16.26 16.57 3.86
CA ALA A 16 17.59 16.94 4.33
C ALA A 16 17.80 16.36 5.73
N MET A 17 19.04 15.94 6.02
CA MET A 17 19.30 15.19 7.25
C MET A 17 20.23 15.85 8.27
N GLU A 18 20.03 15.44 9.53
CA GLU A 18 20.86 15.83 10.64
C GLU A 18 21.16 14.61 11.46
N TYR A 19 22.39 14.52 11.95
CA TYR A 19 22.80 13.38 12.74
C TYR A 19 23.19 13.78 14.15
N LEU A 20 22.93 12.87 15.09
CA LEU A 20 23.30 13.11 16.47
C LEU A 20 24.72 12.57 16.72
N ILE A 21 25.67 13.46 17.03
CA ILE A 21 27.06 13.06 17.17
C ILE A 21 27.49 12.90 18.62
N GLU A 22 28.36 11.93 18.87
CA GLU A 22 29.01 11.79 20.17
C GLU A 22 30.49 12.14 20.04
N TRP A 23 31.11 12.53 21.16
CA TRP A 23 32.41 13.18 21.11
C TRP A 23 33.55 12.51 21.89
N LYS A 24 34.76 12.59 21.33
CA LYS A 24 35.98 12.16 22.01
C LYS A 24 36.55 13.29 22.88
N ASP A 25 36.52 14.53 22.38
CA ASP A 25 36.83 15.69 23.21
C ASP A 25 35.92 15.68 24.45
N GLY A 26 34.86 14.85 24.41
CA GLY A 26 34.11 14.48 25.61
C GLY A 26 32.73 15.09 25.88
N HIS A 27 32.38 16.20 25.23
CA HIS A 27 31.17 16.94 25.62
C HIS A 27 29.83 16.34 25.15
N SER A 28 28.74 16.86 25.71
CA SER A 28 27.41 16.30 25.47
C SER A 28 27.02 16.30 23.99
N PRO A 29 26.77 15.10 23.44
CA PRO A 29 26.27 14.79 22.09
C PRO A 29 25.27 15.80 21.52
N SER A 30 25.54 16.26 20.30
CA SER A 30 24.78 17.35 19.70
C SER A 30 24.45 17.14 18.21
N TRP A 31 23.28 17.62 17.82
CA TRP A 31 22.80 17.54 16.46
C TRP A 31 23.59 18.43 15.50
N VAL A 32 23.76 17.94 14.28
CA VAL A 32 24.57 18.62 13.28
C VAL A 32 24.23 18.15 11.87
N PRO A 33 24.05 19.11 10.94
CA PRO A 33 23.66 18.88 9.55
C PRO A 33 24.51 17.80 8.87
N SER A 34 23.92 17.05 7.93
CA SER A 34 24.67 16.03 7.19
C SER A 34 25.69 16.71 6.29
N SER A 35 25.27 17.83 5.70
CA SER A 35 26.11 18.61 4.80
C SER A 35 27.38 19.07 5.50
N TYR A 36 27.38 18.97 6.83
CA TYR A 36 28.46 19.48 7.66
C TYR A 36 29.36 18.40 8.24
N ILE A 37 29.17 17.16 7.84
CA ILE A 37 29.99 16.06 8.40
C ILE A 37 30.53 15.07 7.38
N ALA A 38 31.71 14.53 7.70
CA ALA A 38 32.52 13.69 6.81
C ALA A 38 31.69 12.63 6.09
N ALA A 39 32.09 12.27 4.88
CA ALA A 39 31.37 11.29 4.06
C ALA A 39 31.24 9.91 4.75
N ASP A 40 32.37 9.22 4.86
CA ASP A 40 32.42 7.89 5.46
C ASP A 40 31.72 7.79 6.83
N VAL A 41 31.92 8.79 7.68
CA VAL A 41 31.34 8.77 9.02
C VAL A 41 29.82 8.73 8.98
N VAL A 42 29.25 9.34 7.94
CA VAL A 42 27.82 9.30 7.66
C VAL A 42 27.49 7.94 7.04
N SER A 43 28.27 7.60 6.02
CA SER A 43 28.16 6.31 5.34
C SER A 43 28.22 5.16 6.33
N GLU A 44 29.08 5.28 7.34
CA GLU A 44 29.27 4.20 8.31
C GLU A 44 28.06 4.03 9.22
N TYR A 45 27.21 5.05 9.28
CA TYR A 45 26.00 5.00 10.09
C TYR A 45 24.81 4.52 9.26
N GLU A 46 24.87 4.78 7.97
CA GLU A 46 23.74 4.47 7.11
C GLU A 46 23.88 3.14 6.39
N THR A 47 25.09 2.76 5.98
CA THR A 47 25.26 1.49 5.26
C THR A 47 24.73 0.27 6.03
N PRO A 48 25.11 0.11 7.32
CA PRO A 48 24.54 -1.05 8.01
C PRO A 48 23.01 -1.04 7.85
N TRP A 49 22.45 0.16 7.73
CA TRP A 49 21.00 0.33 7.63
C TRP A 49 20.47 -0.14 6.27
N TRP A 50 21.04 0.35 5.18
CA TRP A 50 20.48 0.06 3.85
C TRP A 50 20.71 -1.37 3.39
N THR A 51 21.77 -1.98 3.93
CA THR A 51 22.03 -3.41 3.76
C THR A 51 20.88 -4.20 4.39
N ALA A 52 20.60 -3.87 5.65
CA ALA A 52 19.62 -4.56 6.47
C ALA A 52 18.28 -4.59 5.74
N ALA A 53 17.88 -3.43 5.25
CA ALA A 53 16.61 -3.25 4.57
C ALA A 53 16.52 -4.05 3.28
N ARG A 54 17.43 -3.78 2.34
CA ARG A 54 17.43 -4.41 1.01
C ARG A 54 17.52 -5.94 1.09
N LYS A 55 17.54 -6.49 2.30
CA LYS A 55 17.51 -7.92 2.52
C LYS A 55 16.48 -8.27 3.60
N ALA A 56 15.64 -7.29 3.93
CA ALA A 56 14.58 -7.41 4.95
C ALA A 56 14.99 -8.17 6.24
N ASP A 57 16.13 -7.76 6.81
CA ASP A 57 16.60 -8.27 8.09
C ASP A 57 15.87 -7.59 9.25
N GLU A 58 14.90 -8.29 9.82
CA GLU A 58 14.06 -7.76 10.89
C GLU A 58 14.82 -7.55 12.21
N GLN A 59 15.50 -8.59 12.68
CA GLN A 59 16.29 -8.50 13.90
C GLN A 59 17.16 -7.25 13.86
N ALA A 60 18.07 -7.20 12.90
CA ALA A 60 18.92 -6.03 12.70
C ALA A 60 18.15 -4.73 12.85
N LEU A 61 17.14 -4.58 12.00
CA LEU A 61 16.34 -3.37 11.97
C LEU A 61 15.84 -3.03 13.37
N SER A 62 15.44 -4.05 14.12
CA SER A 62 14.96 -3.88 15.48
C SER A 62 15.94 -3.12 16.36
N GLN A 63 17.24 -3.35 16.12
CA GLN A 63 18.31 -2.80 16.93
C GLN A 63 18.74 -1.42 16.44
N LEU A 64 18.73 -1.25 15.12
CA LEU A 64 19.24 -0.04 14.49
C LEU A 64 18.25 1.11 14.58
N LEU A 65 17.35 1.01 15.55
CA LEU A 65 16.25 1.96 15.63
C LEU A 65 16.19 2.72 16.93
N GLU A 66 17.05 2.36 17.89
CA GLU A 66 16.96 2.94 19.23
C GLU A 66 16.78 4.45 19.18
N ASP A 67 17.57 5.11 18.35
CA ASP A 67 17.27 6.50 17.99
C ASP A 67 17.61 6.77 16.52
N ARG A 68 16.70 6.42 15.61
CA ARG A 68 16.91 6.66 14.18
C ARG A 68 15.65 7.17 13.43
N ASP A 69 15.83 8.15 12.54
CA ASP A 69 14.74 8.60 11.66
C ASP A 69 14.50 7.57 10.56
N VAL A 70 13.43 6.80 10.71
CA VAL A 70 13.12 5.67 9.85
C VAL A 70 12.86 6.05 8.39
N ASP A 71 12.30 7.24 8.18
CA ASP A 71 11.94 7.69 6.85
C ASP A 71 13.09 8.35 6.08
N ALA A 72 14.31 7.93 6.38
CA ALA A 72 15.45 8.38 5.62
C ALA A 72 15.31 7.88 4.18
N VAL A 73 15.61 8.74 3.21
CA VAL A 73 15.48 8.40 1.79
C VAL A 73 16.80 7.91 1.18
N ASP A 74 16.73 7.23 0.04
CA ASP A 74 17.92 6.93 -0.77
C ASP A 74 18.03 7.90 -1.97
N GLU A 75 18.78 7.50 -2.99
CA GLU A 75 19.03 8.33 -4.17
C GLU A 75 17.73 8.63 -4.89
N ASN A 76 16.86 7.64 -4.96
CA ASN A 76 15.58 7.78 -5.64
C ASN A 76 14.44 8.08 -4.69
N GLY A 77 14.76 8.60 -3.51
CA GLY A 77 13.74 8.98 -2.54
C GLY A 77 12.96 7.82 -1.95
N ARG A 78 13.56 6.64 -1.91
CA ARG A 78 12.92 5.47 -1.33
C ARG A 78 13.25 5.34 0.15
N THR A 79 12.25 5.23 1.02
CA THR A 79 12.56 4.95 2.41
C THR A 79 12.69 3.48 2.62
N ALA A 80 13.23 3.13 3.80
CA ALA A 80 13.44 1.76 4.19
C ALA A 80 12.21 0.93 3.91
N LEU A 81 11.05 1.49 4.23
CA LEU A 81 9.77 0.80 4.09
C LEU A 81 9.54 0.33 2.68
N LEU A 82 9.70 1.23 1.72
CA LEU A 82 9.54 0.86 0.32
C LEU A 82 10.31 -0.41 -0.04
N PHE A 83 11.43 -0.64 0.62
CA PHE A 83 12.21 -1.82 0.29
C PHE A 83 11.57 -3.07 0.82
N VAL A 84 11.34 -3.09 2.12
CA VAL A 84 10.85 -4.28 2.78
C VAL A 84 9.52 -4.71 2.24
N ALA A 85 8.84 -3.73 1.64
CA ALA A 85 7.53 -3.91 1.02
C ALA A 85 7.68 -4.70 -0.26
N GLY A 86 8.50 -4.20 -1.18
CA GLY A 86 8.76 -4.86 -2.45
C GLY A 86 9.39 -6.23 -2.31
N LEU A 87 9.98 -6.50 -1.15
CA LEU A 87 10.59 -7.80 -0.86
C LEU A 87 9.56 -8.75 -0.24
N GLY A 88 8.48 -8.21 0.30
CA GLY A 88 7.40 -9.05 0.76
C GLY A 88 7.54 -9.44 2.21
N SER A 89 8.13 -8.56 2.99
CA SER A 89 8.28 -8.82 4.41
C SER A 89 7.20 -8.12 5.22
N ASP A 90 6.09 -8.83 5.43
CA ASP A 90 5.01 -8.27 6.24
C ASP A 90 5.48 -8.05 7.67
N LYS A 91 6.46 -8.83 8.10
CA LYS A 91 6.96 -8.74 9.46
C LYS A 91 7.76 -7.45 9.68
N CYS A 92 8.59 -7.10 8.69
CA CYS A 92 9.36 -5.86 8.71
C CYS A 92 8.44 -4.67 8.72
N VAL A 93 7.75 -4.50 7.60
CA VAL A 93 6.69 -3.53 7.42
C VAL A 93 5.86 -3.25 8.69
N ARG A 94 5.46 -4.32 9.39
CA ARG A 94 4.70 -4.19 10.62
C ARG A 94 5.56 -3.57 11.69
N LEU A 95 6.86 -3.87 11.65
CA LEU A 95 7.83 -3.31 12.58
C LEU A 95 8.09 -1.82 12.35
N LEU A 96 8.43 -1.44 11.11
CA LEU A 96 8.64 -0.02 10.80
C LEU A 96 7.37 0.82 10.91
N ALA A 97 6.22 0.19 10.68
CA ALA A 97 4.96 0.87 10.94
C ALA A 97 4.97 1.22 12.41
N GLU A 98 5.16 0.20 13.23
CA GLU A 98 5.34 0.35 14.67
C GLU A 98 6.28 1.51 15.00
N ALA A 99 7.22 1.80 14.09
CA ALA A 99 8.21 2.87 14.29
C ALA A 99 7.75 4.21 13.70
N GLY A 100 6.47 4.28 13.32
CA GLY A 100 5.86 5.51 12.85
C GLY A 100 6.21 5.91 11.43
N ALA A 101 6.84 4.99 10.70
CA ALA A 101 7.22 5.26 9.32
C ALA A 101 6.04 5.87 8.58
N ASP A 102 6.31 6.63 7.53
CA ASP A 102 5.23 7.22 6.75
C ASP A 102 4.76 6.27 5.66
N LEU A 103 3.63 5.61 5.94
CA LEU A 103 3.06 4.61 5.04
C LEU A 103 2.77 5.24 3.71
N ASP A 104 2.42 6.52 3.76
CA ASP A 104 1.97 7.21 2.59
C ASP A 104 3.13 7.99 1.98
N HIS A 105 4.34 7.46 2.15
CA HIS A 105 5.52 8.13 1.62
C HIS A 105 5.65 7.92 0.11
N ARG A 106 6.17 8.91 -0.60
CA ARG A 106 6.25 8.89 -2.07
C ARG A 106 7.70 9.00 -2.56
N ASP A 107 8.16 8.08 -3.40
CA ASP A 107 9.54 8.13 -3.88
C ASP A 107 9.72 9.19 -4.99
N MET A 108 10.94 9.38 -5.49
CA MET A 108 11.13 10.38 -6.55
C MET A 108 11.63 9.85 -7.91
N ARG A 109 11.76 8.52 -8.04
CA ARG A 109 11.86 7.87 -9.35
C ARG A 109 10.58 7.07 -9.61
N GLY A 110 9.58 7.73 -10.18
CA GLY A 110 8.32 7.09 -10.49
C GLY A 110 7.15 7.58 -9.63
N GLY A 111 7.47 8.10 -8.44
CA GLY A 111 6.46 8.63 -7.53
C GLY A 111 5.68 7.62 -6.70
N LEU A 112 6.28 6.46 -6.41
CA LEU A 112 5.56 5.34 -5.80
C LEU A 112 5.46 5.34 -4.27
N THR A 113 4.50 4.58 -3.74
CA THR A 113 4.40 4.31 -2.32
C THR A 113 4.73 2.85 -2.08
N ALA A 114 4.74 2.45 -0.82
CA ALA A 114 5.01 1.07 -0.46
C ALA A 114 3.97 0.13 -1.05
N LEU A 115 2.73 0.60 -1.20
CA LEU A 115 1.70 -0.25 -1.79
C LEU A 115 1.87 -0.39 -3.28
N HIS A 116 2.60 0.52 -3.91
CA HIS A 116 2.91 0.36 -5.32
C HIS A 116 4.00 -0.68 -5.50
N MET A 117 4.73 -0.92 -4.42
CA MET A 117 5.78 -1.92 -4.44
C MET A 117 5.18 -3.28 -4.17
N ALA A 118 4.41 -3.38 -3.09
CA ALA A 118 3.80 -4.64 -2.70
C ALA A 118 2.89 -5.15 -3.83
N ALA A 119 2.28 -4.19 -4.52
CA ALA A 119 1.51 -4.42 -5.73
C ALA A 119 2.42 -4.96 -6.82
N GLY A 120 3.34 -4.13 -7.30
CA GLY A 120 4.23 -4.49 -8.39
C GLY A 120 5.07 -5.74 -8.14
N TYR A 121 5.54 -5.87 -6.92
CA TYR A 121 6.36 -7.03 -6.61
C TYR A 121 5.53 -8.25 -6.24
N VAL A 122 4.20 -8.06 -6.17
CA VAL A 122 3.20 -9.10 -5.93
C VAL A 122 3.29 -9.74 -4.54
N ARG A 123 3.19 -8.89 -3.52
CA ARG A 123 3.16 -9.38 -2.15
C ARG A 123 1.83 -9.03 -1.49
N PRO A 124 0.95 -10.03 -1.41
CA PRO A 124 -0.41 -9.95 -0.87
C PRO A 124 -0.43 -9.72 0.64
N GLU A 125 0.10 -10.71 1.38
CA GLU A 125 0.20 -10.66 2.83
C GLU A 125 0.81 -9.35 3.31
N VAL A 126 1.56 -8.70 2.44
CA VAL A 126 2.13 -7.39 2.77
C VAL A 126 1.07 -6.33 2.65
N VAL A 127 0.63 -6.08 1.42
CA VAL A 127 -0.54 -5.22 1.22
C VAL A 127 -1.60 -5.42 2.32
N GLU A 128 -1.99 -6.67 2.56
CA GLU A 128 -2.92 -7.00 3.63
C GLU A 128 -2.62 -6.11 4.81
N ALA A 129 -1.37 -6.19 5.26
CA ALA A 129 -0.90 -5.49 6.45
C ALA A 129 -0.85 -3.97 6.26
N LEU A 130 -0.46 -3.53 5.06
CA LEU A 130 -0.33 -2.11 4.76
C LEU A 130 -1.64 -1.40 4.92
N VAL A 131 -2.69 -2.08 4.48
CA VAL A 131 -4.06 -1.59 4.54
C VAL A 131 -4.59 -1.70 5.96
N GLU A 132 -4.27 -2.82 6.61
CA GLU A 132 -4.58 -3.04 8.02
C GLU A 132 -4.13 -1.85 8.87
N LEU A 133 -2.88 -1.43 8.65
CA LEU A 133 -2.27 -0.37 9.46
C LEU A 133 -2.65 1.02 8.96
N GLY A 134 -3.47 1.06 7.92
CA GLY A 134 -4.18 2.27 7.57
C GLY A 134 -3.64 3.06 6.41
N ALA A 135 -3.00 2.39 5.46
CA ALA A 135 -2.48 3.10 4.30
C ALA A 135 -3.62 3.64 3.44
N ASP A 136 -3.29 4.58 2.55
CA ASP A 136 -4.28 5.20 1.67
C ASP A 136 -4.14 4.65 0.26
N ILE A 137 -5.12 3.88 -0.17
CA ILE A 137 -5.07 3.17 -1.44
C ILE A 137 -5.19 4.11 -2.63
N GLU A 138 -5.61 5.34 -2.35
CA GLU A 138 -6.04 6.25 -3.40
C GLU A 138 -4.87 6.97 -4.05
N VAL A 139 -3.74 6.97 -3.36
CA VAL A 139 -2.55 7.67 -3.82
C VAL A 139 -2.11 7.26 -5.22
N GLU A 140 -2.12 8.24 -6.12
CA GLU A 140 -1.69 8.04 -7.50
C GLU A 140 -0.18 8.26 -7.58
N ASP A 141 0.39 8.00 -8.75
CA ASP A 141 1.82 8.21 -8.99
C ASP A 141 2.02 9.01 -10.27
N GLU A 142 3.23 8.94 -10.84
CA GLU A 142 3.54 9.66 -12.09
C GLU A 142 2.67 9.19 -13.24
N ARG A 143 2.40 7.88 -13.29
CA ARG A 143 1.54 7.31 -14.33
C ARG A 143 0.04 7.50 -14.05
N GLY A 144 -0.27 8.19 -12.96
CA GLY A 144 -1.65 8.44 -12.57
C GLY A 144 -2.33 7.25 -11.90
N LEU A 145 -1.61 6.13 -11.83
CA LEU A 145 -2.15 4.88 -11.30
C LEU A 145 -2.24 4.80 -9.76
N THR A 146 -3.41 4.41 -9.27
CA THR A 146 -3.54 3.97 -7.90
C THR A 146 -2.80 2.64 -7.85
N ALA A 147 -2.70 2.05 -6.66
CA ALA A 147 -2.07 0.75 -6.53
C ALA A 147 -2.90 -0.34 -7.22
N LEU A 148 -4.23 -0.25 -7.09
CA LEU A 148 -5.13 -1.25 -7.63
C LEU A 148 -5.11 -1.28 -9.15
N GLU A 149 -5.23 -0.11 -9.75
CA GLU A 149 -5.24 -0.04 -11.20
C GLU A 149 -3.97 -0.71 -11.70
N LEU A 150 -2.96 -0.72 -10.85
CA LEU A 150 -1.67 -1.30 -11.22
C LEU A 150 -1.76 -2.82 -11.30
N ALA A 151 -2.15 -3.45 -10.19
CA ALA A 151 -2.40 -4.90 -10.16
C ALA A 151 -3.32 -5.38 -11.30
N ARG A 152 -4.31 -4.56 -11.61
CA ARG A 152 -5.18 -4.80 -12.76
C ARG A 152 -4.33 -4.87 -14.02
N GLU A 153 -3.49 -3.86 -14.23
CA GLU A 153 -2.72 -3.74 -15.48
C GLU A 153 -1.73 -4.89 -15.71
N ILE A 154 -1.00 -5.28 -14.65
CA ILE A 154 0.05 -6.30 -14.73
C ILE A 154 -0.53 -7.68 -15.01
N LEU A 155 -1.56 -8.02 -14.26
CA LEU A 155 -2.25 -9.27 -14.43
C LEU A 155 -2.78 -9.38 -15.86
N LYS A 156 -2.96 -8.25 -16.52
CA LYS A 156 -3.28 -8.27 -17.94
C LYS A 156 -2.23 -9.10 -18.67
N THR A 157 -0.99 -8.99 -18.20
CA THR A 157 0.18 -9.55 -18.87
C THR A 157 1.00 -10.55 -18.07
N THR A 158 0.41 -11.28 -17.14
CA THR A 158 1.10 -12.44 -16.57
C THR A 158 0.95 -13.58 -17.56
N PRO A 159 1.97 -14.44 -17.60
CA PRO A 159 1.95 -15.66 -18.43
C PRO A 159 1.00 -16.72 -17.87
N LYS A 160 0.73 -17.76 -18.68
CA LYS A 160 -0.15 -18.88 -18.31
C LYS A 160 0.52 -20.23 -18.60
N GLY A 161 1.79 -20.36 -18.19
CA GLY A 161 2.61 -21.49 -18.59
C GLY A 161 2.59 -22.70 -17.68
N ASN A 162 3.13 -22.53 -16.47
CA ASN A 162 3.27 -23.63 -15.54
C ASN A 162 2.98 -23.17 -14.11
N PRO A 163 3.06 -24.09 -13.13
CA PRO A 163 2.82 -23.70 -11.73
C PRO A 163 3.77 -22.61 -11.19
N MET A 164 4.86 -22.33 -11.89
CA MET A 164 5.71 -21.19 -11.54
C MET A 164 4.98 -19.90 -11.90
N GLN A 165 4.55 -19.83 -13.15
CA GLN A 165 3.84 -18.67 -13.67
C GLN A 165 2.45 -18.56 -13.04
N PHE A 166 2.12 -19.54 -12.20
CA PHE A 166 0.80 -19.64 -11.55
C PHE A 166 0.69 -18.83 -10.27
N GLY A 167 1.53 -19.15 -9.29
CA GLY A 167 1.54 -18.40 -8.04
C GLY A 167 1.66 -16.91 -8.24
N ARG A 168 2.03 -16.53 -9.46
CA ARG A 168 2.02 -15.13 -9.85
C ARG A 168 0.57 -14.66 -10.00
N ARG A 169 -0.20 -15.37 -10.83
CA ARG A 169 -1.59 -15.01 -11.10
C ARG A 169 -2.44 -14.99 -9.84
N ILE A 170 -2.28 -15.99 -8.99
CA ILE A 170 -2.90 -15.98 -7.66
C ILE A 170 -2.60 -14.68 -6.94
N GLY A 171 -1.29 -14.39 -6.80
CA GLY A 171 -0.80 -13.20 -6.14
C GLY A 171 -1.52 -11.92 -6.52
N LEU A 172 -1.54 -11.61 -7.82
CA LEU A 172 -2.18 -10.39 -8.34
C LEU A 172 -3.66 -10.35 -8.02
N GLU A 173 -4.30 -11.51 -8.05
CA GLU A 173 -5.70 -11.61 -7.75
C GLU A 173 -5.93 -11.33 -6.28
N LYS A 174 -5.14 -11.97 -5.42
CA LYS A 174 -5.27 -11.77 -3.97
C LYS A 174 -5.11 -10.29 -3.63
N VAL A 175 -4.16 -9.64 -4.28
CA VAL A 175 -3.96 -8.22 -4.08
C VAL A 175 -5.13 -7.44 -4.64
N ILE A 176 -5.47 -7.72 -5.90
CA ILE A 176 -6.49 -7.00 -6.61
C ILE A 176 -7.84 -7.11 -5.91
N ASN A 177 -8.01 -8.17 -5.11
CA ASN A 177 -9.24 -8.37 -4.37
C ASN A 177 -9.20 -7.79 -2.98
N VAL A 178 -8.03 -7.86 -2.36
CA VAL A 178 -7.79 -7.18 -1.09
C VAL A 178 -8.06 -5.69 -1.27
N LEU A 179 -7.59 -5.17 -2.41
CA LEU A 179 -7.72 -3.76 -2.72
C LEU A 179 -9.15 -3.39 -3.05
N GLU A 180 -9.79 -4.23 -3.87
CA GLU A 180 -11.19 -4.02 -4.20
C GLU A 180 -12.05 -3.99 -2.96
N GLY A 181 -11.85 -4.96 -2.06
CA GLY A 181 -12.56 -4.99 -0.79
C GLY A 181 -12.31 -3.76 0.06
N GLN A 182 -11.77 -2.72 -0.58
CA GLN A 182 -11.51 -1.45 0.09
C GLN A 182 -12.16 -0.30 -0.67
N VAL A 183 -12.09 -0.35 -1.99
CA VAL A 183 -12.79 0.63 -2.82
C VAL A 183 -14.28 0.34 -2.76
N PHE A 184 -14.62 -0.95 -2.74
CA PHE A 184 -15.99 -1.42 -2.88
C PHE A 184 -16.60 -2.06 -1.66
N GLU A 185 -17.76 -1.51 -1.28
CA GLU A 185 -18.62 -2.12 -0.28
C GLU A 185 -19.78 -2.81 -0.97
N TYR A 186 -20.41 -3.73 -0.24
CA TYR A 186 -21.68 -4.31 -0.65
C TYR A 186 -22.73 -3.85 0.37
N ALA A 187 -23.37 -2.73 0.04
CA ALA A 187 -24.39 -2.09 0.85
C ALA A 187 -25.75 -2.62 0.44
N GLU A 188 -26.67 -2.66 1.39
CA GLU A 188 -27.97 -3.25 1.13
C GLU A 188 -28.88 -2.33 0.30
N VAL A 189 -29.74 -2.96 -0.52
CA VAL A 189 -30.66 -2.27 -1.44
C VAL A 189 -32.05 -2.10 -0.83
N ASP A 190 -32.59 -0.89 -0.97
CA ASP A 190 -33.95 -0.57 -0.56
C ASP A 190 -34.89 -1.06 -1.65
N GLU A 191 -34.58 -0.67 -2.88
CA GLU A 191 -35.43 -0.95 -4.00
C GLU A 191 -34.63 -0.92 -5.29
N ILE A 192 -35.12 -1.65 -6.29
CA ILE A 192 -34.49 -1.66 -7.60
C ILE A 192 -35.48 -1.10 -8.64
N VAL A 193 -35.26 0.16 -9.04
CA VAL A 193 -36.27 0.97 -9.72
C VAL A 193 -36.47 0.69 -11.22
N GLU A 194 -35.39 0.42 -11.93
CA GLU A 194 -35.47 0.26 -13.37
C GLU A 194 -34.58 -0.88 -13.86
N LYS A 195 -34.87 -1.37 -15.07
CA LYS A 195 -34.10 -2.45 -15.67
C LYS A 195 -33.59 -1.98 -17.02
N ARG A 196 -32.27 -2.10 -17.23
CA ARG A 196 -31.68 -1.88 -18.55
C ARG A 196 -30.78 -3.05 -18.94
N GLY A 197 -30.23 -3.02 -20.14
CA GLY A 197 -29.48 -4.16 -20.65
C GLY A 197 -30.41 -5.35 -20.83
N LYS A 198 -29.90 -6.43 -21.40
CA LYS A 198 -30.76 -7.59 -21.65
C LYS A 198 -30.06 -8.89 -21.32
N GLY A 199 -30.82 -9.83 -20.77
CA GLY A 199 -30.28 -11.13 -20.41
C GLY A 199 -29.30 -11.06 -19.26
N LYS A 200 -28.03 -11.38 -19.54
CA LYS A 200 -26.96 -11.42 -18.53
C LYS A 200 -26.28 -10.08 -18.29
N ASP A 201 -26.09 -9.32 -19.37
CA ASP A 201 -25.49 -7.98 -19.29
C ASP A 201 -26.55 -6.99 -18.84
N VAL A 202 -27.55 -7.49 -18.12
CA VAL A 202 -28.61 -6.66 -17.55
C VAL A 202 -28.02 -5.72 -16.47
N GLU A 203 -28.33 -4.44 -16.56
CA GLU A 203 -27.87 -3.46 -15.59
C GLU A 203 -29.04 -2.88 -14.82
N TYR A 204 -28.99 -2.98 -13.49
CA TYR A 204 -30.11 -2.54 -12.66
C TYR A 204 -29.90 -1.18 -12.02
N LEU A 205 -30.96 -0.36 -12.01
CA LEU A 205 -30.93 0.94 -11.33
C LEU A 205 -31.33 0.74 -9.87
N VAL A 206 -30.47 1.19 -8.95
CA VAL A 206 -30.53 0.79 -7.54
C VAL A 206 -30.69 1.91 -6.53
N ARG A 207 -31.65 1.71 -5.64
CA ARG A 207 -31.97 2.66 -4.59
C ARG A 207 -31.40 2.19 -3.25
N TRP A 208 -30.61 3.05 -2.62
CA TRP A 208 -29.88 2.67 -1.40
C TRP A 208 -30.69 2.85 -0.13
N LYS A 209 -30.57 1.91 0.80
CA LYS A 209 -31.33 1.99 2.06
C LYS A 209 -30.89 3.17 2.90
N ASP A 210 -29.58 3.45 2.89
CA ASP A 210 -28.94 4.43 3.77
C ASP A 210 -29.04 5.88 3.27
N GLY A 211 -29.13 6.06 1.95
CA GLY A 211 -29.37 7.38 1.39
C GLY A 211 -28.92 7.56 -0.05
N GLY A 212 -29.05 8.79 -0.55
CA GLY A 212 -28.43 9.21 -1.79
C GLY A 212 -28.90 8.57 -3.08
N ASP A 213 -28.25 8.96 -4.16
CA ASP A 213 -28.70 8.64 -5.50
C ASP A 213 -28.97 7.15 -5.76
N CYS A 214 -29.59 6.91 -6.91
CA CYS A 214 -29.79 5.58 -7.44
C CYS A 214 -28.74 5.42 -8.52
N GLU A 215 -28.35 4.19 -8.84
CA GLU A 215 -27.23 4.02 -9.76
C GLU A 215 -27.17 2.67 -10.43
N TRP A 216 -26.73 2.67 -11.69
CA TRP A 216 -26.69 1.47 -12.49
C TRP A 216 -25.62 0.46 -12.10
N VAL A 217 -26.04 -0.56 -11.33
CA VAL A 217 -25.15 -1.69 -11.09
C VAL A 217 -25.28 -2.88 -12.05
N LYS A 218 -24.15 -3.35 -12.57
CA LYS A 218 -24.14 -4.46 -13.52
C LYS A 218 -24.94 -5.54 -12.81
N GLY A 219 -25.65 -6.37 -13.58
CA GLY A 219 -26.48 -7.42 -13.03
C GLY A 219 -25.69 -8.47 -12.27
N VAL A 220 -24.38 -8.52 -12.54
CA VAL A 220 -23.47 -9.38 -11.81
C VAL A 220 -23.30 -8.87 -10.39
N HIS A 221 -22.97 -7.59 -10.27
CA HIS A 221 -22.65 -6.96 -8.99
C HIS A 221 -23.89 -6.69 -8.15
N VAL A 222 -24.91 -7.53 -8.32
CA VAL A 222 -26.12 -7.52 -7.49
C VAL A 222 -26.42 -8.92 -6.94
N ALA A 223 -27.40 -9.02 -6.05
CA ALA A 223 -27.75 -10.29 -5.40
C ALA A 223 -28.85 -11.04 -6.15
N GLU A 224 -28.64 -12.35 -6.33
CA GLU A 224 -29.55 -13.17 -7.14
C GLU A 224 -30.95 -13.21 -6.52
N ASP A 225 -31.03 -12.78 -5.27
CA ASP A 225 -32.26 -12.88 -4.48
C ASP A 225 -33.11 -11.63 -4.61
N VAL A 226 -32.46 -10.48 -4.84
CA VAL A 226 -33.16 -9.21 -4.97
C VAL A 226 -33.38 -8.83 -6.46
N ALA A 227 -32.62 -9.50 -7.33
CA ALA A 227 -32.77 -9.35 -8.79
C ALA A 227 -34.01 -10.12 -9.25
N LYS A 228 -34.19 -11.30 -8.66
CA LYS A 228 -35.40 -12.10 -8.81
C LYS A 228 -36.62 -11.34 -8.26
N ASP A 229 -36.61 -10.97 -6.98
CA ASP A 229 -37.66 -10.15 -6.38
C ASP A 229 -38.12 -9.01 -7.27
N TYR A 230 -37.26 -8.57 -8.18
CA TYR A 230 -37.61 -7.50 -9.10
C TYR A 230 -38.39 -8.03 -10.30
N GLU A 231 -37.78 -8.95 -11.05
CA GLU A 231 -38.40 -9.46 -12.28
C GLU A 231 -39.62 -10.34 -12.03
N ASP A 232 -39.92 -10.54 -10.75
CA ASP A 232 -41.17 -11.15 -10.37
C ASP A 232 -42.29 -10.10 -10.33
N GLY A 233 -41.98 -8.93 -9.75
CA GLY A 233 -42.93 -7.83 -9.73
C GLY A 233 -43.29 -7.40 -11.14
N LEU A 234 -42.49 -7.87 -12.10
CA LEU A 234 -42.68 -7.64 -13.54
C LEU A 234 -43.67 -8.63 -14.22
N GLU A 235 -43.28 -9.90 -14.34
CA GLU A 235 -44.18 -10.98 -14.80
C GLU A 235 -44.98 -10.67 -16.09
N GLN B 1 -17.69 -15.35 -6.93
CA GLN B 1 -17.66 -14.07 -6.23
C GLN B 1 -19.06 -13.47 -6.16
N LYS B 2 -19.98 -14.19 -5.54
CA LYS B 2 -21.39 -13.76 -5.46
C LYS B 2 -21.69 -12.67 -4.40
N ALA B 3 -22.55 -11.72 -4.79
CA ALA B 3 -23.00 -10.64 -3.89
C ALA B 3 -23.91 -11.16 -2.76
N PRO B 4 -23.57 -10.79 -1.49
CA PRO B 4 -24.35 -11.11 -0.29
C PRO B 4 -25.87 -10.91 -0.49
N PRO B 5 -26.69 -11.51 0.38
CA PRO B 5 -28.14 -11.49 0.18
C PRO B 5 -28.73 -10.12 0.46
N GLY B 6 -29.41 -9.57 -0.54
CA GLY B 6 -30.06 -8.28 -0.40
C GLY B 6 -29.16 -7.08 -0.59
N THR B 7 -27.98 -7.26 -1.19
CA THR B 7 -27.04 -6.15 -1.39
C THR B 7 -26.54 -6.04 -2.83
N ALA B 8 -25.80 -4.96 -3.09
CA ALA B 8 -25.18 -4.71 -4.40
C ALA B 8 -23.92 -3.84 -4.30
N ARG B 9 -22.98 -4.04 -5.23
CA ARG B 9 -21.67 -3.40 -5.18
C ARG B 9 -21.70 -1.88 -5.46
N ARG B 10 -21.06 -1.10 -4.58
CA ARG B 10 -20.80 0.33 -4.84
C ARG B 10 -19.45 0.84 -4.29
N LYS B 11 -19.03 2.02 -4.74
CA LYS B 11 -17.78 2.60 -4.28
C LYS B 11 -17.93 3.10 -2.85
N ARG B 12 -16.82 3.15 -2.14
CA ARG B 12 -16.84 3.50 -0.72
C ARG B 12 -16.71 5.01 -0.54
N LYS B 13 -17.51 5.53 0.39
CA LYS B 13 -17.72 6.96 0.50
C LYS B 13 -17.59 7.45 1.95
#